data_6PMT
#
_entry.id   6PMT
#
_cell.length_a   52.829
_cell.length_b   56.548
_cell.length_c   141.363
_cell.angle_alpha   90.000
_cell.angle_beta   90.000
_cell.angle_gamma   90.000
#
_symmetry.space_group_name_H-M   'P 21 21 21'
#
loop_
_entity.id
_entity.type
_entity.pdbx_description
1 polymer 'Stress-70 protein, mitochondrial'
2 non-polymer 'ADENOSINE MONOPHOSPHATE'
3 non-polymer 'TRIHYDROGEN THIODIPHOSPHATE'
4 non-polymer 'PHOSPHATE ION'
5 water water
#
_entity_poly.entity_id   1
_entity_poly.type   'polypeptide(L)'
_entity_poly.pdbx_seq_one_letter_code
;GAMGSKGAVVGIDLGTTNSCVAVMEGKQAKVLENAEGARTTPSVVAFTADGERLVGMPAKRQAVTNPNNTFYATKRLIGR
RYDDPEVQKDIKNVPFKIVRASNGDAWVEAHGKLYSPSQIGAFVLMKMKETAENYLGHTAKNAVITVPAYFNDSQRQATK
DAGQISGLNVLRVINEPTAAALAYGLDKSEDKVIAVYDLGGGTFDISILEIQKGVFEVKSTNGDTFLGGEDFDQALLRHI
VKEFKRETGVDLTKDNMALQRVREAAEKAKCELSSSVQTDINLPYLTMDSSGPKHLNMKLTRAQFEGIVTDLIRRTIAPC
QKAMQDAEVSKSDIGEVILVGGMTRMPKVQQTVQDLFGRAPSKAVNPDEAVAIGAAIQGGVLAGD
;
_entity_poly.pdbx_strand_id   A
#
# COMPACT_ATOMS: atom_id res chain seq x y z
N ALA A 8 0.73 2.86 -26.78
CA ALA A 8 0.21 2.10 -25.65
C ALA A 8 0.43 2.86 -24.34
N VAL A 9 -0.58 2.88 -23.49
CA VAL A 9 -0.50 3.69 -22.28
C VAL A 9 -0.58 2.82 -21.04
N VAL A 10 0.48 2.87 -20.23
CA VAL A 10 0.56 2.06 -19.03
C VAL A 10 -0.34 2.63 -17.93
N GLY A 11 -0.81 1.76 -17.05
CA GLY A 11 -1.57 2.18 -15.89
C GLY A 11 -0.72 1.90 -14.66
N ILE A 12 -0.47 2.93 -13.87
CA ILE A 12 0.38 2.79 -12.69
C ILE A 12 -0.39 3.12 -11.42
N ASP A 13 -0.38 2.20 -10.47
CA ASP A 13 -0.87 2.44 -9.13
C ASP A 13 0.35 2.80 -8.30
N LEU A 14 0.50 4.08 -7.96
CA LEU A 14 1.66 4.51 -7.21
C LEU A 14 1.19 4.55 -5.77
N GLY A 15 1.40 3.43 -5.08
CA GLY A 15 0.71 3.23 -3.83
C GLY A 15 1.52 3.70 -2.64
N THR A 16 0.84 3.84 -1.50
CA THR A 16 1.49 4.31 -0.30
C THR A 16 2.63 3.40 0.07
N THR A 17 2.35 2.09 0.01
CA THR A 17 3.27 1.06 0.45
C THR A 17 3.86 0.28 -0.72
N ASN A 18 3.01 -0.02 -1.69
CA ASN A 18 3.39 -0.80 -2.85
C ASN A 18 2.90 -0.21 -4.15
N SER A 19 3.62 -0.47 -5.23
CA SER A 19 3.11 -0.03 -6.52
C SER A 19 2.97 -1.18 -7.50
N CYS A 20 2.20 -0.93 -8.56
CA CYS A 20 1.77 -1.95 -9.51
C CYS A 20 1.57 -1.33 -10.89
N VAL A 21 2.10 -1.95 -11.93
CA VAL A 21 1.88 -1.41 -13.26
C VAL A 21 1.24 -2.46 -14.16
N ALA A 22 0.30 -2.02 -14.97
CA ALA A 22 -0.46 -2.91 -15.82
C ALA A 22 -0.63 -2.22 -17.15
N VAL A 23 -0.96 -2.99 -18.19
CA VAL A 23 -1.25 -2.37 -19.49
C VAL A 23 -2.30 -3.18 -20.25
N MET A 24 -3.05 -2.46 -21.09
CA MET A 24 -4.10 -3.05 -21.91
C MET A 24 -3.49 -3.94 -23.00
N GLU A 25 -3.76 -5.24 -22.93
CA GLU A 25 -3.26 -6.17 -23.95
C GLU A 25 -4.38 -7.00 -24.56
N GLY A 26 -4.94 -6.51 -25.66
CA GLY A 26 -6.12 -7.12 -26.24
C GLY A 26 -7.35 -6.44 -25.67
N LYS A 27 -8.31 -7.22 -25.22
CA LYS A 27 -9.43 -6.67 -24.47
C LYS A 27 -9.26 -7.00 -22.99
N GLN A 28 -8.05 -7.45 -22.64
CA GLN A 28 -7.72 -7.81 -21.27
C GLN A 28 -6.48 -7.05 -20.80
N ALA A 29 -6.58 -6.42 -19.63
CA ALA A 29 -5.42 -5.76 -19.03
C ALA A 29 -4.53 -6.83 -18.42
N LYS A 30 -3.24 -6.55 -18.33
CA LYS A 30 -2.28 -7.51 -17.79
C LYS A 30 -1.39 -6.80 -16.80
N VAL A 31 -1.31 -7.34 -15.58
CA VAL A 31 -0.38 -6.81 -14.57
C VAL A 31 1.02 -7.28 -14.90
N LEU A 32 1.98 -6.36 -14.91
CA LEU A 32 3.35 -6.70 -15.36
C LEU A 32 4.28 -7.05 -14.21
N GLU A 33 4.96 -8.19 -14.31
CA GLU A 33 5.92 -8.59 -13.30
C GLU A 33 7.25 -7.90 -13.51
N ASN A 34 7.94 -7.56 -12.42
CA ASN A 34 9.26 -6.94 -12.53
C ASN A 34 10.29 -8.02 -12.78
N ALA A 35 11.55 -7.61 -12.94
CA ALA A 35 12.64 -8.55 -13.21
C ALA A 35 12.71 -9.65 -12.16
N GLU A 36 12.37 -9.31 -10.92
CA GLU A 36 12.38 -10.29 -9.84
C GLU A 36 11.16 -11.21 -9.86
N GLY A 37 10.24 -10.97 -10.79
CA GLY A 37 9.05 -11.80 -10.90
C GLY A 37 7.92 -11.35 -9.98
N ALA A 38 8.02 -10.14 -9.46
CA ALA A 38 7.03 -9.66 -8.50
C ALA A 38 5.98 -8.79 -9.18
N ARG A 39 4.71 -9.01 -8.86
CA ARG A 39 3.64 -8.26 -9.51
C ARG A 39 3.42 -6.90 -8.84
N THR A 40 3.99 -6.71 -7.66
CA THR A 40 4.02 -5.39 -7.04
C THR A 40 5.45 -5.02 -6.63
N THR A 41 5.69 -3.72 -6.49
CA THR A 41 7.00 -3.21 -6.11
C THR A 41 6.85 -2.28 -4.91
N PRO A 42 7.63 -2.49 -3.83
CA PRO A 42 7.52 -1.59 -2.68
C PRO A 42 7.79 -0.13 -3.05
N SER A 43 6.91 0.76 -2.59
CA SER A 43 7.09 2.19 -2.81
C SER A 43 8.11 2.75 -1.79
N VAL A 44 9.33 2.22 -1.85
CA VAL A 44 10.36 2.56 -0.88
C VAL A 44 11.66 2.96 -1.57
N VAL A 45 12.26 4.04 -1.10
CA VAL A 45 13.50 4.56 -1.64
C VAL A 45 14.47 4.77 -0.49
N ALA A 46 15.66 4.17 -0.57
CA ALA A 46 16.66 4.33 0.49
C ALA A 46 18.01 4.80 -0.02
N PHE A 47 18.74 5.48 0.86
CA PHE A 47 20.11 5.82 0.55
C PHE A 47 21.04 5.30 1.63
N THR A 48 21.94 4.41 1.26
CA THR A 48 22.87 3.80 2.21
C THR A 48 24.00 4.74 2.62
N ALA A 49 24.90 4.23 3.44
CA ALA A 49 26.10 4.97 3.87
C ALA A 49 26.95 5.26 2.65
N ASP A 50 26.98 4.30 1.74
CA ASP A 50 27.70 4.43 0.48
C ASP A 50 27.10 5.59 -0.29
N GLY A 51 25.79 5.80 -0.10
CA GLY A 51 25.06 6.81 -0.82
C GLY A 51 24.45 6.23 -2.08
N GLU A 52 24.62 4.92 -2.25
CA GLU A 52 23.94 4.20 -3.31
C GLU A 52 22.44 4.28 -3.03
N ARG A 53 21.65 4.34 -4.10
CA ARG A 53 20.20 4.47 -3.97
C ARG A 53 19.57 3.12 -4.20
N LEU A 54 18.70 2.73 -3.28
CA LEU A 54 17.95 1.49 -3.38
C LEU A 54 16.49 1.87 -3.60
N VAL A 55 15.82 1.14 -4.50
CA VAL A 55 14.38 1.33 -4.73
C VAL A 55 13.67 -0.01 -4.74
N GLY A 56 12.43 -0.05 -4.25
CA GLY A 56 11.69 -1.28 -4.26
C GLY A 56 12.16 -2.27 -3.21
N MET A 57 12.22 -3.55 -3.58
CA MET A 57 12.50 -4.60 -2.61
C MET A 57 13.90 -4.46 -1.95
N PRO A 58 14.95 -4.13 -2.73
CA PRO A 58 16.25 -3.94 -2.08
C PRO A 58 16.19 -2.88 -0.98
N ALA A 59 15.38 -1.84 -1.18
CA ALA A 59 15.19 -0.82 -0.17
C ALA A 59 14.37 -1.32 1.01
N LYS A 60 13.26 -2.00 0.71
CA LYS A 60 12.43 -2.58 1.76
C LYS A 60 13.26 -3.49 2.67
N ARG A 61 14.16 -4.27 2.06
CA ARG A 61 14.95 -5.26 2.80
C ARG A 61 15.88 -4.67 3.85
N GLN A 62 16.20 -3.39 3.72
CA GLN A 62 17.05 -2.74 4.70
C GLN A 62 16.38 -1.62 5.48
N ALA A 63 15.06 -1.51 5.37
CA ALA A 63 14.36 -0.38 5.96
C ALA A 63 14.55 -0.35 7.47
N VAL A 64 14.67 -1.52 8.10
CA VAL A 64 14.80 -1.57 9.56
C VAL A 64 16.24 -1.31 10.05
N THR A 65 17.21 -1.69 9.25
CA THR A 65 18.63 -1.47 9.61
C THR A 65 19.12 -0.10 9.19
N ASN A 66 18.36 0.55 8.33
CA ASN A 66 18.69 1.91 7.90
C ASN A 66 17.46 2.84 8.00
N PRO A 67 16.94 3.00 9.22
CA PRO A 67 15.68 3.76 9.42
C PRO A 67 15.79 5.25 9.13
N ASN A 68 16.96 5.84 9.37
CA ASN A 68 17.15 7.28 9.16
C ASN A 68 17.08 7.69 7.70
N ASN A 69 17.55 6.81 6.83
CA ASN A 69 17.66 7.13 5.41
C ASN A 69 16.87 6.20 4.49
N THR A 70 15.77 5.65 4.99
CA THR A 70 14.86 4.88 4.15
C THR A 70 13.53 5.60 4.10
N PHE A 71 13.11 6.01 2.90
CA PHE A 71 11.88 6.77 2.79
C PHE A 71 10.72 5.83 2.43
N TYR A 72 9.71 5.82 3.27
CA TYR A 72 8.51 5.02 2.96
C TYR A 72 7.27 5.86 3.19
N ALA A 73 6.17 5.44 2.57
CA ALA A 73 4.89 6.13 2.74
C ALA A 73 5.04 7.63 2.51
N THR A 74 5.93 8.02 1.61
CA THR A 74 6.05 9.45 1.31
C THR A 74 4.79 9.97 0.65
N LYS A 75 3.93 9.07 0.17
CA LYS A 75 2.66 9.49 -0.41
C LYS A 75 1.86 10.30 0.59
N ARG A 76 2.10 10.08 1.88
CA ARG A 76 1.47 10.90 2.90
C ARG A 76 1.92 12.37 2.84
N LEU A 77 3.02 12.63 2.15
CA LEU A 77 3.62 13.98 2.10
C LEU A 77 3.33 14.70 0.80
N ILE A 78 3.11 13.94 -0.26
CA ILE A 78 3.14 14.50 -1.60
C ILE A 78 2.02 15.54 -1.77
N GLY A 79 2.41 16.70 -2.29
CA GLY A 79 1.47 17.79 -2.50
C GLY A 79 1.08 18.55 -1.25
N ARG A 80 1.72 18.26 -0.12
CA ARG A 80 1.28 18.82 1.16
C ARG A 80 2.27 19.81 1.81
N ARG A 81 1.74 20.94 2.32
CA ARG A 81 2.59 21.89 3.04
C ARG A 81 3.16 21.21 4.28
N TYR A 82 4.37 21.62 4.68
CA TYR A 82 4.97 21.17 5.93
C TYR A 82 4.02 21.33 7.11
N ASP A 83 3.23 22.41 7.12
CA ASP A 83 2.37 22.68 8.26
C ASP A 83 1.03 21.96 8.25
N ASP A 84 0.77 21.20 7.18
CA ASP A 84 -0.39 20.31 7.13
C ASP A 84 -0.42 19.39 8.36
N PRO A 85 -1.58 19.28 9.03
CA PRO A 85 -1.65 18.44 10.24
C PRO A 85 -1.19 17.01 9.98
N GLU A 86 -1.48 16.51 8.79
CA GLU A 86 -1.22 15.13 8.44
C GLU A 86 0.29 14.90 8.26
N VAL A 87 0.98 15.94 7.81
CA VAL A 87 2.44 15.88 7.74
C VAL A 87 3.00 15.87 9.15
N GLN A 88 2.48 16.75 10.01
CA GLN A 88 2.91 16.82 11.40
C GLN A 88 2.66 15.49 12.13
N LYS A 89 1.51 14.87 11.84
CA LYS A 89 1.24 13.54 12.37
C LYS A 89 2.23 12.52 11.81
N ASP A 90 2.60 12.67 10.54
CA ASP A 90 3.54 11.74 9.91
C ASP A 90 4.90 11.80 10.60
N ILE A 91 5.31 13.02 10.97
CA ILE A 91 6.61 13.26 11.55
C ILE A 91 6.76 12.39 12.80
N LYS A 92 5.68 12.28 13.56
CA LYS A 92 5.74 11.56 14.82
C LYS A 92 5.67 10.06 14.62
N ASN A 93 5.40 9.62 13.39
CA ASN A 93 5.24 8.19 13.15
C ASN A 93 6.36 7.52 12.36
N VAL A 94 7.18 8.30 11.67
CA VAL A 94 8.27 7.73 10.90
C VAL A 94 9.63 8.23 11.41
N PRO A 95 10.66 7.38 11.29
CA PRO A 95 11.99 7.69 11.82
C PRO A 95 12.85 8.56 10.90
N PHE A 96 12.45 8.73 9.64
CA PHE A 96 13.27 9.54 8.73
C PHE A 96 12.92 11.04 8.83
N LYS A 97 13.82 11.88 8.34
CA LYS A 97 13.68 13.32 8.52
C LYS A 97 12.74 13.95 7.50
N ILE A 98 11.74 14.64 8.00
CA ILE A 98 10.84 15.43 7.17
C ILE A 98 11.15 16.90 7.42
N VAL A 99 11.36 17.66 6.35
CA VAL A 99 11.79 19.05 6.47
C VAL A 99 10.87 20.02 5.73
N ARG A 100 10.91 21.28 6.11
CA ARG A 100 10.14 22.30 5.43
C ARG A 100 11.00 22.89 4.33
N ALA A 101 10.59 22.67 3.09
CA ALA A 101 11.29 23.24 1.94
C ALA A 101 11.20 24.77 1.95
N SER A 102 12.08 25.40 1.18
CA SER A 102 12.02 26.84 1.02
C SER A 102 10.63 27.31 0.65
N ASN A 103 9.92 26.54 -0.16
CA ASN A 103 8.60 26.94 -0.65
C ASN A 103 7.43 26.59 0.26
N GLY A 104 7.74 26.11 1.46
CA GLY A 104 6.70 25.77 2.42
C GLY A 104 6.29 24.31 2.42
N ASP A 105 6.72 23.57 1.41
CA ASP A 105 6.26 22.19 1.25
C ASP A 105 7.01 21.19 2.13
N ALA A 106 6.38 20.07 2.41
CA ALA A 106 7.04 18.99 3.14
C ALA A 106 7.94 18.17 2.22
N TRP A 107 9.24 18.19 2.52
CA TRP A 107 10.22 17.38 1.80
C TRP A 107 10.88 16.42 2.75
N VAL A 108 11.75 15.56 2.24
CA VAL A 108 12.48 14.65 3.09
C VAL A 108 13.98 14.88 2.94
N GLU A 109 14.76 14.50 3.96
CA GLU A 109 16.21 14.71 3.92
C GLU A 109 16.94 13.44 4.28
N ALA A 110 18.07 13.19 3.63
CA ALA A 110 18.93 12.06 3.95
C ALA A 110 20.35 12.36 3.52
N HIS A 111 21.30 12.20 4.44
CA HIS A 111 22.69 12.50 4.15
C HIS A 111 22.87 13.96 3.73
N GLY A 112 22.04 14.83 4.28
CA GLY A 112 22.10 16.25 3.98
C GLY A 112 21.55 16.60 2.61
N LYS A 113 21.09 15.61 1.86
CA LYS A 113 20.42 15.86 0.59
C LYS A 113 18.90 15.96 0.75
N LEU A 114 18.29 16.91 0.05
CA LEU A 114 16.85 17.11 0.14
C LEU A 114 16.14 16.58 -1.08
N TYR A 115 14.99 15.94 -0.87
CA TYR A 115 14.21 15.41 -1.97
C TYR A 115 12.75 15.82 -1.80
N SER A 116 12.07 16.18 -2.87
CA SER A 116 10.63 16.37 -2.77
C SER A 116 9.94 15.02 -2.79
N PRO A 117 8.72 14.94 -2.26
CA PRO A 117 7.97 13.69 -2.36
C PRO A 117 7.76 13.30 -3.83
N SER A 118 7.75 14.29 -4.72
CA SER A 118 7.62 14.03 -6.15
C SER A 118 8.86 13.33 -6.67
N GLN A 119 10.03 13.74 -6.19
CA GLN A 119 11.28 13.05 -6.52
C GLN A 119 11.32 11.59 -6.03
N ILE A 120 10.88 11.37 -4.79
CA ILE A 120 10.86 10.03 -4.24
C ILE A 120 9.86 9.20 -5.06
N GLY A 121 8.72 9.80 -5.38
CA GLY A 121 7.77 9.12 -6.25
C GLY A 121 8.39 8.82 -7.61
N ALA A 122 9.15 9.76 -8.14
CA ALA A 122 9.75 9.55 -9.46
C ALA A 122 10.71 8.36 -9.45
N PHE A 123 11.44 8.16 -8.36
CA PHE A 123 12.31 6.99 -8.27
C PHE A 123 11.49 5.71 -8.38
N VAL A 124 10.35 5.68 -7.69
CA VAL A 124 9.52 4.51 -7.74
C VAL A 124 8.93 4.33 -9.14
N LEU A 125 8.42 5.42 -9.72
CA LEU A 125 7.87 5.37 -11.08
C LEU A 125 8.88 4.94 -12.16
N MET A 126 10.14 5.35 -12.00
N MET A 126 10.16 5.31 -12.06
CA MET A 126 11.17 4.94 -12.97
CA MET A 126 11.15 4.88 -13.03
C MET A 126 11.26 3.42 -12.94
C MET A 126 11.24 3.37 -12.96
N LYS A 127 11.16 2.85 -11.75
CA LYS A 127 11.18 1.40 -11.62
C LYS A 127 9.96 0.74 -12.28
N MET A 128 8.80 1.35 -12.13
CA MET A 128 7.59 0.83 -12.76
C MET A 128 7.65 1.04 -14.29
N LYS A 129 8.25 2.15 -14.73
CA LYS A 129 8.45 2.39 -16.15
C LYS A 129 9.39 1.38 -16.81
N GLU A 130 10.48 1.06 -16.12
CA GLU A 130 11.39 0.02 -16.57
C GLU A 130 10.72 -1.35 -16.62
N THR A 131 9.96 -1.67 -15.58
CA THR A 131 9.22 -2.94 -15.54
C THR A 131 8.33 -3.08 -16.75
N ALA A 132 7.62 -2.03 -17.11
CA ALA A 132 6.72 -2.09 -18.26
C ALA A 132 7.49 -2.22 -19.56
N GLU A 133 8.57 -1.45 -19.69
CA GLU A 133 9.38 -1.48 -20.90
C GLU A 133 10.04 -2.85 -21.08
N ASN A 134 10.38 -3.48 -19.95
CA ASN A 134 10.99 -4.80 -19.98
C ASN A 134 10.02 -5.83 -20.53
N TYR A 135 8.73 -5.58 -20.38
CA TYR A 135 7.71 -6.45 -20.95
C TYR A 135 7.35 -6.00 -22.38
N LEU A 136 7.15 -4.70 -22.54
CA LEU A 136 6.73 -4.12 -23.82
C LEU A 136 7.77 -4.34 -24.92
N GLY A 137 9.04 -4.23 -24.57
CA GLY A 137 10.10 -4.34 -25.54
C GLY A 137 10.36 -3.02 -26.25
N HIS A 138 9.68 -1.98 -25.78
CA HIS A 138 9.89 -0.63 -26.29
C HIS A 138 9.63 0.38 -25.18
N THR A 139 10.14 1.59 -25.35
CA THR A 139 10.01 2.63 -24.34
C THR A 139 8.55 2.99 -24.04
N ALA A 140 8.24 3.23 -22.77
CA ALA A 140 6.90 3.64 -22.38
C ALA A 140 6.91 5.14 -22.15
N LYS A 141 5.91 5.84 -22.67
CA LYS A 141 5.89 7.28 -22.57
C LYS A 141 4.61 7.77 -21.91
N ASN A 142 3.49 7.24 -22.37
CA ASN A 142 2.17 7.65 -21.89
C ASN A 142 1.71 6.80 -20.73
N ALA A 143 1.07 7.46 -19.75
CA ALA A 143 0.62 6.77 -18.56
C ALA A 143 -0.63 7.35 -17.96
N VAL A 144 -1.38 6.49 -17.28
CA VAL A 144 -2.45 6.93 -16.39
C VAL A 144 -2.03 6.58 -14.97
N ILE A 145 -2.06 7.55 -14.05
CA ILE A 145 -1.65 7.28 -12.66
C ILE A 145 -2.82 7.51 -11.72
N THR A 146 -2.99 6.60 -10.75
CA THR A 146 -4.06 6.71 -9.79
C THR A 146 -3.66 7.47 -8.51
N VAL A 147 -4.66 8.04 -7.84
CA VAL A 147 -4.45 8.74 -6.57
C VAL A 147 -5.67 8.47 -5.71
N PRO A 148 -5.55 8.66 -4.38
CA PRO A 148 -6.78 8.53 -3.57
C PRO A 148 -7.83 9.58 -3.95
N ALA A 149 -9.10 9.22 -3.80
CA ALA A 149 -10.20 10.12 -4.14
C ALA A 149 -10.10 11.47 -3.41
N TYR A 150 -9.51 11.47 -2.23
CA TYR A 150 -9.49 12.66 -1.40
C TYR A 150 -8.37 13.63 -1.74
N PHE A 151 -7.44 13.22 -2.60
CA PHE A 151 -6.35 14.09 -3.07
C PHE A 151 -6.89 15.40 -3.66
N ASN A 152 -6.32 16.53 -3.25
CA ASN A 152 -6.67 17.81 -3.85
C ASN A 152 -5.81 18.06 -5.09
N ASP A 153 -5.99 19.21 -5.72
CA ASP A 153 -5.30 19.47 -6.96
C ASP A 153 -3.79 19.48 -6.75
N SER A 154 -3.36 20.03 -5.62
CA SER A 154 -1.95 20.08 -5.30
C SER A 154 -1.32 18.68 -5.24
N GLN A 155 -2.01 17.75 -4.59
CA GLN A 155 -1.49 16.38 -4.49
C GLN A 155 -1.51 15.69 -5.84
N ARG A 156 -2.56 15.93 -6.61
CA ARG A 156 -2.63 15.40 -7.97
C ARG A 156 -1.51 15.95 -8.83
N GLN A 157 -1.28 17.26 -8.76
CA GLN A 157 -0.25 17.91 -9.56
C GLN A 157 1.14 17.41 -9.20
N ALA A 158 1.38 17.17 -7.91
CA ALA A 158 2.67 16.63 -7.50
C ALA A 158 2.88 15.20 -8.01
N THR A 159 1.80 14.42 -8.03
CA THR A 159 1.85 13.06 -8.57
C THR A 159 2.15 13.09 -10.08
N LYS A 160 1.46 13.97 -10.80
CA LYS A 160 1.80 14.20 -12.22
C LYS A 160 3.27 14.59 -12.40
N ASP A 161 3.77 15.47 -11.54
CA ASP A 161 5.16 15.90 -11.66
C ASP A 161 6.09 14.72 -11.43
N ALA A 162 5.72 13.80 -10.52
CA ALA A 162 6.52 12.61 -10.30
C ALA A 162 6.68 11.83 -11.59
N GLY A 163 5.57 11.70 -12.33
CA GLY A 163 5.57 10.95 -13.57
C GLY A 163 6.42 11.66 -14.61
N GLN A 164 6.34 12.99 -14.63
CA GLN A 164 7.10 13.77 -15.59
C GLN A 164 8.61 13.61 -15.40
N ILE A 165 9.05 13.67 -14.15
CA ILE A 165 10.44 13.51 -13.78
C ILE A 165 10.97 12.19 -14.31
N SER A 166 10.11 11.17 -14.29
CA SER A 166 10.48 9.82 -14.70
C SER A 166 10.42 9.64 -16.21
N GLY A 167 10.04 10.68 -16.93
CA GLY A 167 9.95 10.60 -18.38
C GLY A 167 8.61 10.09 -18.88
N LEU A 168 7.59 10.15 -18.03
CA LEU A 168 6.24 9.72 -18.39
C LEU A 168 5.36 10.94 -18.67
N ASN A 169 4.55 10.87 -19.73
CA ASN A 169 3.50 11.85 -19.93
C ASN A 169 2.21 11.34 -19.29
N VAL A 170 1.86 11.93 -18.15
CA VAL A 170 0.68 11.49 -17.42
C VAL A 170 -0.55 12.06 -18.10
N LEU A 171 -1.20 11.26 -18.94
CA LEU A 171 -2.37 11.71 -19.69
C LEU A 171 -3.52 12.05 -18.76
N ARG A 172 -3.67 11.26 -17.71
CA ARG A 172 -4.70 11.55 -16.73
C ARG A 172 -4.31 11.00 -15.37
N VAL A 173 -4.81 11.66 -14.34
CA VAL A 173 -4.75 11.12 -12.99
C VAL A 173 -6.20 10.78 -12.65
N ILE A 174 -6.45 9.55 -12.22
CA ILE A 174 -7.82 9.13 -11.87
C ILE A 174 -7.85 8.59 -10.46
N ASN A 175 -9.04 8.47 -9.88
CA ASN A 175 -9.16 8.06 -8.48
C ASN A 175 -9.07 6.56 -8.29
N GLU A 176 -8.45 6.14 -7.20
CA GLU A 176 -8.24 4.72 -6.92
C GLU A 176 -9.54 3.90 -6.83
N PRO A 177 -10.55 4.36 -6.06
CA PRO A 177 -11.77 3.54 -5.98
C PRO A 177 -12.46 3.40 -7.35
N THR A 178 -12.34 4.41 -8.20
CA THR A 178 -12.92 4.35 -9.55
C THR A 178 -12.16 3.39 -10.44
N ALA A 179 -10.83 3.46 -10.37
CA ALA A 179 -9.99 2.53 -11.07
C ALA A 179 -10.36 1.11 -10.62
N ALA A 180 -10.50 0.90 -9.31
CA ALA A 180 -10.86 -0.43 -8.82
C ALA A 180 -12.21 -0.87 -9.39
N ALA A 181 -13.16 0.05 -9.45
CA ALA A 181 -14.49 -0.26 -9.96
C ALA A 181 -14.44 -0.69 -11.42
N LEU A 182 -13.57 -0.05 -12.20
CA LEU A 182 -13.37 -0.40 -13.61
C LEU A 182 -12.84 -1.82 -13.73
N ALA A 183 -11.91 -2.18 -12.86
CA ALA A 183 -11.32 -3.51 -12.94
C ALA A 183 -12.38 -4.60 -12.71
N TYR A 184 -13.37 -4.28 -11.89
CA TYR A 184 -14.43 -5.22 -11.57
C TYR A 184 -15.52 -5.25 -12.63
N GLY A 185 -15.39 -4.40 -13.65
CA GLY A 185 -16.34 -4.37 -14.74
C GLY A 185 -17.61 -3.62 -14.43
N LEU A 186 -17.70 -3.02 -13.26
CA LEU A 186 -18.86 -2.25 -12.87
C LEU A 186 -19.18 -1.22 -13.91
N ASP A 187 -18.21 -0.98 -14.79
CA ASP A 187 -18.38 -0.11 -15.92
C ASP A 187 -19.64 -0.45 -16.70
N LYS A 188 -19.90 -1.75 -16.82
CA LYS A 188 -20.99 -2.24 -17.63
C LYS A 188 -22.15 -2.72 -16.78
N SER A 189 -22.11 -2.39 -15.50
CA SER A 189 -23.16 -2.79 -14.58
C SER A 189 -24.38 -1.88 -14.71
N GLU A 190 -25.53 -2.39 -14.27
CA GLU A 190 -26.73 -1.57 -14.14
C GLU A 190 -26.50 -0.57 -13.01
N ASP A 191 -27.32 0.47 -12.94
CA ASP A 191 -27.06 1.50 -11.95
C ASP A 191 -27.02 0.81 -10.60
N LYS A 192 -26.07 1.22 -9.76
CA LYS A 192 -25.87 0.57 -8.49
C LYS A 192 -24.97 1.37 -7.58
N VAL A 193 -25.17 1.18 -6.30
CA VAL A 193 -24.31 1.80 -5.30
C VAL A 193 -23.22 0.82 -4.90
N ILE A 194 -21.99 1.30 -4.75
CA ILE A 194 -20.84 0.43 -4.56
C ILE A 194 -20.08 0.87 -3.34
N ALA A 195 -19.69 -0.07 -2.49
CA ALA A 195 -18.73 0.25 -1.44
C ALA A 195 -17.36 -0.29 -1.86
N VAL A 196 -16.35 0.58 -1.86
CA VAL A 196 -14.97 0.18 -2.12
C VAL A 196 -14.18 0.17 -0.82
N TYR A 197 -13.91 -1.03 -0.30
CA TYR A 197 -13.26 -1.18 0.99
C TYR A 197 -11.79 -1.46 0.75
N ASP A 198 -10.95 -0.50 1.11
CA ASP A 198 -9.58 -0.52 0.63
C ASP A 198 -8.57 -0.50 1.78
N LEU A 199 -8.02 -1.67 2.11
CA LEU A 199 -7.05 -1.78 3.19
C LEU A 199 -5.71 -2.20 2.63
N GLY A 200 -4.82 -1.23 2.49
CA GLY A 200 -3.54 -1.52 1.86
C GLY A 200 -2.47 -1.63 2.91
N GLY A 201 -1.22 -1.55 2.45
CA GLY A 201 -0.08 -1.68 3.34
C GLY A 201 0.06 -0.51 4.30
N GLY A 202 -0.40 0.67 3.88
CA GLY A 202 -0.13 1.85 4.66
C GLY A 202 -1.35 2.64 5.10
N THR A 203 -2.45 2.53 4.33
CA THR A 203 -3.65 3.32 4.62
C THR A 203 -4.95 2.58 4.36
N PHE A 204 -5.99 3.00 5.07
CA PHE A 204 -7.32 2.45 4.88
C PHE A 204 -8.25 3.48 4.26
N ASP A 205 -8.90 3.08 3.18
CA ASP A 205 -9.89 3.93 2.54
C ASP A 205 -11.21 3.19 2.36
N ILE A 206 -12.32 3.90 2.61
CA ILE A 206 -13.64 3.40 2.27
C ILE A 206 -14.33 4.46 1.41
N SER A 207 -14.72 4.09 0.20
CA SER A 207 -15.44 4.98 -0.72
C SER A 207 -16.81 4.42 -1.05
N ILE A 208 -17.83 5.29 -1.06
CA ILE A 208 -19.14 4.88 -1.54
C ILE A 208 -19.37 5.51 -2.91
N LEU A 209 -19.49 4.67 -3.91
CA LEU A 209 -19.62 5.16 -5.26
C LEU A 209 -20.98 4.83 -5.81
N GLU A 210 -21.43 5.60 -6.78
CA GLU A 210 -22.59 5.22 -7.55
C GLU A 210 -22.30 5.10 -9.03
N ILE A 211 -22.78 4.01 -9.61
CA ILE A 211 -22.69 3.82 -11.03
C ILE A 211 -23.99 4.28 -11.64
N GLN A 212 -23.91 5.35 -12.42
CA GLN A 212 -25.06 5.86 -13.15
C GLN A 212 -24.79 5.83 -14.65
N LYS A 213 -25.50 4.96 -15.36
CA LYS A 213 -25.34 4.87 -16.81
C LYS A 213 -23.89 4.64 -17.18
N GLY A 214 -23.20 3.82 -16.38
CA GLY A 214 -21.80 3.49 -16.65
C GLY A 214 -20.76 4.47 -16.15
N VAL A 215 -21.21 5.60 -15.63
CA VAL A 215 -20.31 6.62 -15.09
C VAL A 215 -20.36 6.69 -13.56
N PHE A 216 -19.20 6.60 -12.93
CA PHE A 216 -19.04 6.64 -11.48
C PHE A 216 -19.15 8.01 -10.84
N GLU A 217 -19.75 8.06 -9.66
CA GLU A 217 -19.76 9.26 -8.85
C GLU A 217 -19.38 8.91 -7.42
N VAL A 218 -18.54 9.73 -6.79
CA VAL A 218 -18.13 9.42 -5.42
C VAL A 218 -19.06 10.12 -4.43
N LYS A 219 -19.96 9.36 -3.82
CA LYS A 219 -20.95 9.92 -2.90
C LYS A 219 -20.34 10.26 -1.54
N SER A 220 -19.29 9.52 -1.16
CA SER A 220 -18.64 9.80 0.10
C SER A 220 -17.32 9.06 0.23
N THR A 221 -16.49 9.56 1.13
CA THR A 221 -15.17 8.99 1.32
C THR A 221 -14.81 9.05 2.79
N ASN A 222 -14.03 8.07 3.24
CA ASN A 222 -13.56 8.06 4.62
C ASN A 222 -12.43 7.06 4.80
N GLY A 223 -11.93 6.92 6.02
CA GLY A 223 -10.89 5.93 6.27
C GLY A 223 -9.94 6.35 7.37
N ASP A 224 -8.72 5.80 7.32
CA ASP A 224 -7.68 6.19 8.24
C ASP A 224 -6.34 6.10 7.51
N THR A 225 -5.70 7.24 7.25
CA THR A 225 -4.46 7.24 6.48
C THR A 225 -3.30 6.59 7.23
N PHE A 226 -3.49 6.31 8.51
CA PHE A 226 -2.42 5.74 9.29
C PHE A 226 -2.75 4.33 9.78
N LEU A 227 -3.65 3.68 9.06
CA LEU A 227 -4.04 2.30 9.36
C LEU A 227 -3.77 1.46 8.13
N GLY A 228 -2.84 0.51 8.23
CA GLY A 228 -2.51 -0.33 7.09
C GLY A 228 -1.86 -1.64 7.49
N GLY A 229 -1.61 -2.50 6.50
CA GLY A 229 -0.94 -3.78 6.73
C GLY A 229 0.35 -3.71 7.51
N GLU A 230 1.08 -2.60 7.37
CA GLU A 230 2.34 -2.44 8.10
C GLU A 230 2.12 -2.52 9.60
N ASP A 231 0.97 -2.04 10.05
CA ASP A 231 0.67 -1.99 11.49
C ASP A 231 0.34 -3.37 11.99
N PHE A 232 -0.25 -4.19 11.12
CA PHE A 232 -0.49 -5.59 11.46
C PHE A 232 0.85 -6.29 11.61
N ASP A 233 1.77 -6.05 10.67
CA ASP A 233 3.11 -6.62 10.78
C ASP A 233 3.79 -6.17 12.08
N GLN A 234 3.64 -4.91 12.44
CA GLN A 234 4.31 -4.40 13.63
C GLN A 234 3.71 -5.01 14.90
N ALA A 235 2.39 -5.15 14.93
CA ALA A 235 1.74 -5.77 16.07
C ALA A 235 2.24 -7.21 16.28
N LEU A 236 2.38 -7.96 15.20
CA LEU A 236 2.90 -9.32 15.30
C LEU A 236 4.39 -9.30 15.67
N LEU A 237 5.19 -8.41 15.07
CA LEU A 237 6.61 -8.35 15.41
C LEU A 237 6.74 -8.07 16.90
N ARG A 238 5.86 -7.24 17.43
CA ARG A 238 5.88 -6.92 18.85
C ARG A 238 5.63 -8.16 19.68
N HIS A 239 4.65 -8.95 19.26
CA HIS A 239 4.40 -10.25 19.90
C HIS A 239 5.60 -11.18 19.83
N ILE A 240 6.27 -11.20 18.68
CA ILE A 240 7.35 -12.16 18.45
C ILE A 240 8.52 -11.81 19.36
N VAL A 241 8.80 -10.52 19.43
CA VAL A 241 9.88 -10.01 20.24
C VAL A 241 9.65 -10.33 21.72
N LYS A 242 8.43 -10.09 22.20
CA LYS A 242 8.09 -10.40 23.60
C LYS A 242 8.20 -11.91 23.88
N GLU A 243 7.61 -12.71 23.01
CA GLU A 243 7.64 -14.16 23.16
C GLU A 243 9.08 -14.68 23.15
N PHE A 244 9.89 -14.16 22.24
CA PHE A 244 11.28 -14.59 22.15
C PHE A 244 12.08 -14.25 23.40
N LYS A 245 11.85 -13.05 23.94
CA LYS A 245 12.57 -12.63 25.14
C LYS A 245 12.24 -13.54 26.31
N ARG A 246 10.96 -13.89 26.46
CA ARG A 246 10.54 -14.81 27.50
C ARG A 246 11.14 -16.19 27.29
N GLU A 247 11.13 -16.63 26.04
CA GLU A 247 11.66 -17.95 25.68
C GLU A 247 13.16 -18.11 25.90
N THR A 248 13.92 -17.07 25.57
CA THR A 248 15.38 -17.17 25.57
C THR A 248 16.07 -16.15 26.48
N GLY A 249 15.37 -15.10 26.86
CA GLY A 249 15.97 -14.09 27.69
C GLY A 249 16.57 -12.96 26.87
N VAL A 250 16.70 -13.18 25.56
CA VAL A 250 17.30 -12.19 24.68
C VAL A 250 16.31 -11.14 24.19
N ASP A 251 16.71 -9.88 24.30
CA ASP A 251 15.90 -8.76 23.81
C ASP A 251 16.34 -8.39 22.40
N LEU A 252 15.47 -8.66 21.42
CA LEU A 252 15.83 -8.39 20.03
C LEU A 252 15.76 -6.91 19.64
N THR A 253 15.16 -6.07 20.49
CA THR A 253 14.96 -4.67 20.11
C THR A 253 16.29 -3.94 19.99
N LYS A 254 17.34 -4.53 20.54
CA LYS A 254 18.68 -3.93 20.49
C LYS A 254 19.43 -4.21 19.18
N ASP A 255 18.99 -5.22 18.44
CA ASP A 255 19.64 -5.63 17.20
C ASP A 255 18.74 -5.31 16.01
N ASN A 256 19.02 -4.21 15.31
CA ASN A 256 18.17 -3.86 14.17
C ASN A 256 18.16 -4.93 13.10
N MET A 257 19.26 -5.67 12.94
CA MET A 257 19.29 -6.71 11.92
C MET A 257 18.33 -7.85 12.27
N ALA A 258 18.24 -8.20 13.55
CA ALA A 258 17.31 -9.24 13.95
C ALA A 258 15.87 -8.75 13.73
N LEU A 259 15.61 -7.49 14.07
CA LEU A 259 14.30 -6.91 13.87
C LEU A 259 13.95 -6.87 12.39
N GLN A 260 14.93 -6.57 11.54
CA GLN A 260 14.71 -6.60 10.11
C GLN A 260 14.18 -7.98 9.72
N ARG A 261 14.81 -9.01 10.27
CA ARG A 261 14.42 -10.36 9.92
C ARG A 261 13.08 -10.72 10.52
N VAL A 262 12.80 -10.24 11.72
CA VAL A 262 11.51 -10.52 12.36
C VAL A 262 10.40 -9.80 11.63
N ARG A 263 10.57 -8.57 11.18
N ARG A 263 10.55 -8.56 11.18
CA ARG A 263 9.52 -7.85 10.49
CA ARG A 263 9.49 -7.85 10.48
C ARG A 263 9.13 -8.53 9.18
C ARG A 263 9.12 -8.54 9.17
N GLU A 264 10.14 -9.01 8.46
CA GLU A 264 9.90 -9.79 7.26
C GLU A 264 9.17 -11.11 7.57
N ALA A 265 9.60 -11.81 8.62
CA ALA A 265 8.96 -13.05 9.02
C ALA A 265 7.52 -12.83 9.50
N ALA A 266 7.27 -11.69 10.14
CA ALA A 266 5.94 -11.38 10.62
C ALA A 266 5.00 -11.11 9.45
N GLU A 267 5.48 -10.40 8.44
CA GLU A 267 4.65 -10.16 7.26
C GLU A 267 4.37 -11.48 6.55
N LYS A 268 5.42 -12.28 6.36
CA LYS A 268 5.26 -13.60 5.76
C LYS A 268 4.27 -14.46 6.53
N ALA A 269 4.34 -14.42 7.86
CA ALA A 269 3.43 -15.21 8.71
C ALA A 269 1.99 -14.77 8.52
N LYS A 270 1.78 -13.46 8.46
CA LYS A 270 0.45 -12.89 8.30
C LYS A 270 -0.15 -13.35 6.98
N CYS A 271 0.66 -13.38 5.93
CA CYS A 271 0.13 -13.74 4.62
C CYS A 271 -0.21 -15.23 4.55
N GLU A 272 0.59 -16.07 5.21
CA GLU A 272 0.32 -17.50 5.25
C GLU A 272 -0.97 -17.80 5.99
N LEU A 273 -1.28 -17.00 7.01
CA LEU A 273 -2.43 -17.27 7.85
C LEU A 273 -3.75 -16.90 7.16
N SER A 274 -3.65 -16.28 5.99
CA SER A 274 -4.84 -16.03 5.18
C SER A 274 -5.32 -17.27 4.45
N SER A 275 -4.43 -18.25 4.28
CA SER A 275 -4.79 -19.47 3.57
C SER A 275 -4.57 -20.72 4.43
N SER A 276 -4.00 -20.53 5.61
CA SER A 276 -3.69 -21.66 6.49
C SER A 276 -4.08 -21.32 7.92
N VAL A 277 -4.45 -22.30 8.73
CA VAL A 277 -4.81 -21.94 10.10
C VAL A 277 -3.62 -21.94 11.09
N GLN A 278 -2.44 -22.38 10.65
CA GLN A 278 -1.24 -22.29 11.48
C GLN A 278 -0.04 -22.04 10.58
N THR A 279 0.97 -21.37 11.11
CA THR A 279 2.20 -21.18 10.33
C THR A 279 3.38 -21.24 11.27
N ASP A 280 4.53 -21.64 10.75
CA ASP A 280 5.74 -21.72 11.56
C ASP A 280 6.69 -20.58 11.21
N ILE A 281 7.06 -19.78 12.21
CA ILE A 281 8.07 -18.77 12.04
C ILE A 281 9.43 -19.34 12.41
N ASN A 282 10.35 -19.36 11.45
CA ASN A 282 11.68 -19.92 11.64
C ASN A 282 12.79 -18.97 11.22
N LEU A 283 13.65 -18.57 12.15
CA LEU A 283 14.79 -17.69 11.84
C LEU A 283 16.05 -18.23 12.48
N PRO A 284 16.83 -18.99 11.71
CA PRO A 284 18.08 -19.58 12.21
C PRO A 284 19.16 -18.53 12.42
N TYR A 285 19.99 -18.75 13.44
CA TYR A 285 21.07 -17.82 13.79
C TYR A 285 20.56 -16.40 13.86
N LEU A 286 19.43 -16.21 14.53
CA LEU A 286 18.84 -14.88 14.66
C LEU A 286 19.68 -14.06 15.61
N THR A 287 20.15 -14.70 16.67
CA THR A 287 21.02 -14.01 17.58
C THR A 287 22.01 -14.98 18.19
N MET A 288 22.80 -14.49 19.14
CA MET A 288 23.86 -15.31 19.67
C MET A 288 24.04 -15.07 21.15
N ASP A 289 24.36 -16.15 21.83
CA ASP A 289 24.34 -16.20 23.28
C ASP A 289 25.66 -16.77 23.78
N SER A 290 25.87 -16.70 25.09
CA SER A 290 27.08 -17.27 25.67
C SER A 290 27.07 -18.80 25.54
N SER A 291 25.93 -19.34 25.09
CA SER A 291 25.82 -20.77 24.82
C SER A 291 26.12 -21.11 23.35
N GLY A 292 26.10 -20.09 22.50
CA GLY A 292 26.28 -20.28 21.07
C GLY A 292 25.16 -19.60 20.31
N PRO A 293 24.93 -20.05 19.06
CA PRO A 293 23.85 -19.45 18.25
C PRO A 293 22.47 -19.73 18.84
N LYS A 294 21.55 -18.79 18.63
CA LYS A 294 20.18 -18.92 19.08
C LYS A 294 19.24 -18.89 17.87
N HIS A 295 18.36 -19.89 17.73
CA HIS A 295 17.44 -19.94 16.59
C HIS A 295 16.00 -19.66 17.04
N LEU A 296 15.27 -18.89 16.24
CA LEU A 296 13.89 -18.59 16.56
C LEU A 296 12.98 -19.56 15.85
N ASN A 297 12.11 -20.23 16.61
CA ASN A 297 11.14 -21.18 16.07
C ASN A 297 9.83 -21.03 16.82
N MET A 298 8.79 -20.60 16.12
CA MET A 298 7.51 -20.28 16.74
C MET A 298 6.36 -20.73 15.87
N LYS A 299 5.35 -21.35 16.49
CA LYS A 299 4.12 -21.64 15.77
C LYS A 299 3.14 -20.53 16.05
N LEU A 300 2.43 -20.11 15.03
CA LEU A 300 1.41 -19.07 15.18
C LEU A 300 0.13 -19.54 14.54
N THR A 301 -0.97 -19.52 15.28
CA THR A 301 -2.26 -19.90 14.71
C THR A 301 -2.98 -18.67 14.20
N ARG A 302 -3.95 -18.89 13.31
CA ARG A 302 -4.75 -17.79 12.82
C ARG A 302 -5.56 -17.14 13.96
N ALA A 303 -5.98 -17.94 14.93
CA ALA A 303 -6.73 -17.38 16.07
C ALA A 303 -5.84 -16.47 16.90
N GLN A 304 -4.61 -16.91 17.13
CA GLN A 304 -3.63 -16.09 17.83
C GLN A 304 -3.38 -14.79 17.07
N PHE A 305 -3.13 -14.89 15.77
CA PHE A 305 -2.87 -13.68 14.99
C PHE A 305 -4.08 -12.73 15.03
N GLU A 306 -5.26 -13.27 14.80
CA GLU A 306 -6.48 -12.45 14.88
C GLU A 306 -6.58 -11.69 16.18
N GLY A 307 -6.30 -12.36 17.30
CA GLY A 307 -6.30 -11.70 18.59
C GLY A 307 -5.35 -10.52 18.66
N ILE A 308 -4.18 -10.67 18.05
CA ILE A 308 -3.13 -9.67 18.10
C ILE A 308 -3.51 -8.40 17.34
N VAL A 309 -4.29 -8.53 16.27
CA VAL A 309 -4.58 -7.41 15.40
C VAL A 309 -6.05 -7.01 15.44
N THR A 310 -6.82 -7.56 16.38
CA THR A 310 -8.26 -7.30 16.40
C THR A 310 -8.61 -5.81 16.46
N ASP A 311 -7.87 -5.03 17.26
CA ASP A 311 -8.14 -3.59 17.34
C ASP A 311 -7.93 -2.88 16.00
N LEU A 312 -6.90 -3.29 15.26
CA LEU A 312 -6.63 -2.70 13.94
C LEU A 312 -7.80 -2.92 12.98
N ILE A 313 -8.30 -4.15 12.96
CA ILE A 313 -9.45 -4.49 12.13
C ILE A 313 -10.68 -3.68 12.55
N ARG A 314 -10.94 -3.63 13.85
CA ARG A 314 -12.11 -2.87 14.35
C ARG A 314 -12.03 -1.38 14.00
N ARG A 315 -10.83 -0.86 13.81
CA ARG A 315 -10.69 0.54 13.45
C ARG A 315 -11.25 0.82 12.06
N THR A 316 -11.50 -0.21 11.28
CA THR A 316 -12.08 0.01 9.95
C THR A 316 -13.61 0.17 10.00
N ILE A 317 -14.21 -0.15 11.13
CA ILE A 317 -15.66 -0.12 11.27
C ILE A 317 -16.34 1.25 11.28
N ALA A 318 -15.89 2.13 12.16
CA ALA A 318 -16.50 3.43 12.30
C ALA A 318 -16.37 4.28 11.05
N PRO A 319 -15.20 4.24 10.41
CA PRO A 319 -15.00 5.01 9.20
C PRO A 319 -16.00 4.57 8.14
N CYS A 320 -16.27 3.26 8.08
CA CYS A 320 -17.23 2.73 7.12
C CYS A 320 -18.66 3.15 7.39
N GLN A 321 -19.04 3.12 8.66
CA GLN A 321 -20.40 3.51 9.02
C GLN A 321 -20.64 4.98 8.70
N LYS A 322 -19.64 5.80 8.96
CA LYS A 322 -19.71 7.23 8.66
C LYS A 322 -19.84 7.47 7.16
N ALA A 323 -19.12 6.69 6.37
CA ALA A 323 -19.15 6.86 4.92
C ALA A 323 -20.54 6.58 4.38
N MET A 324 -21.21 5.60 4.96
CA MET A 324 -22.56 5.27 4.53
C MET A 324 -23.54 6.36 4.95
N GLN A 325 -23.35 6.89 6.15
CA GLN A 325 -24.15 7.97 6.68
C GLN A 325 -23.99 9.24 5.87
N ASP A 326 -22.75 9.53 5.46
CA ASP A 326 -22.45 10.69 4.63
C ASP A 326 -22.96 10.52 3.19
N ALA A 327 -23.04 9.28 2.72
CA ALA A 327 -23.54 9.02 1.37
C ALA A 327 -25.05 8.91 1.38
N GLU A 328 -25.62 9.03 2.57
CA GLU A 328 -27.06 8.89 2.77
C GLU A 328 -27.61 7.59 2.21
N VAL A 329 -27.03 6.48 2.62
CA VAL A 329 -27.56 5.17 2.29
C VAL A 329 -27.48 4.28 3.51
N SER A 330 -28.34 3.28 3.55
CA SER A 330 -28.23 2.23 4.55
C SER A 330 -27.49 1.06 3.94
N LYS A 331 -27.06 0.09 4.74
CA LYS A 331 -26.31 -1.05 4.22
C LYS A 331 -27.08 -1.73 3.08
N SER A 332 -28.39 -1.74 3.23
CA SER A 332 -29.31 -2.38 2.31
C SER A 332 -29.22 -1.75 0.92
N ASP A 333 -28.95 -0.44 0.88
CA ASP A 333 -28.92 0.30 -0.39
C ASP A 333 -27.66 0.01 -1.19
N ILE A 334 -26.73 -0.73 -0.58
CA ILE A 334 -25.46 -1.00 -1.25
C ILE A 334 -25.55 -2.32 -2.01
N GLY A 335 -25.26 -2.25 -3.30
CA GLY A 335 -25.50 -3.39 -4.18
C GLY A 335 -24.32 -4.32 -4.25
N GLU A 336 -23.15 -3.80 -3.94
CA GLU A 336 -21.93 -4.59 -4.02
C GLU A 336 -20.76 -3.97 -3.29
N VAL A 337 -20.02 -4.80 -2.58
CA VAL A 337 -18.81 -4.38 -1.89
C VAL A 337 -17.64 -4.99 -2.63
N ILE A 338 -16.70 -4.17 -3.07
CA ILE A 338 -15.48 -4.70 -3.69
C ILE A 338 -14.29 -4.53 -2.76
N LEU A 339 -13.38 -5.49 -2.79
CA LEU A 339 -12.23 -5.48 -1.88
C LEU A 339 -11.00 -5.00 -2.63
N VAL A 340 -10.29 -4.04 -2.03
CA VAL A 340 -9.03 -3.54 -2.57
C VAL A 340 -7.94 -3.56 -1.47
N GLY A 341 -6.69 -3.82 -1.87
CA GLY A 341 -5.63 -3.88 -0.88
C GLY A 341 -5.33 -5.30 -0.41
N GLY A 342 -4.04 -5.64 -0.33
CA GLY A 342 -3.63 -6.99 0.03
C GLY A 342 -4.19 -7.45 1.36
N MET A 343 -4.41 -6.53 2.29
CA MET A 343 -4.92 -6.92 3.59
C MET A 343 -6.29 -7.58 3.47
N THR A 344 -7.08 -7.20 2.47
CA THR A 344 -8.43 -7.77 2.37
C THR A 344 -8.42 -9.26 2.11
N ARG A 345 -7.22 -9.82 1.96
CA ARG A 345 -7.06 -11.26 1.81
C ARG A 345 -7.20 -11.96 3.15
N MET A 346 -7.11 -11.21 4.25
CA MET A 346 -7.22 -11.79 5.57
C MET A 346 -8.67 -12.19 5.87
N PRO A 347 -8.92 -13.47 6.21
CA PRO A 347 -10.28 -13.92 6.46
C PRO A 347 -11.05 -13.06 7.44
N LYS A 348 -10.48 -12.72 8.59
CA LYS A 348 -11.25 -11.92 9.54
C LYS A 348 -11.60 -10.54 8.99
N VAL A 349 -10.79 -10.00 8.09
CA VAL A 349 -11.11 -8.69 7.50
C VAL A 349 -12.31 -8.86 6.58
N GLN A 350 -12.31 -9.94 5.82
CA GLN A 350 -13.42 -10.24 4.92
C GLN A 350 -14.72 -10.40 5.71
N GLN A 351 -14.65 -11.08 6.86
CA GLN A 351 -15.81 -11.23 7.73
C GLN A 351 -16.29 -9.89 8.28
N THR A 352 -15.37 -9.00 8.67
CA THR A 352 -15.74 -7.67 9.15
C THR A 352 -16.46 -6.86 8.06
N VAL A 353 -15.96 -6.97 6.83
CA VAL A 353 -16.59 -6.32 5.69
C VAL A 353 -18.00 -6.88 5.49
N GLN A 354 -18.14 -8.19 5.66
CA GLN A 354 -19.47 -8.80 5.49
C GLN A 354 -20.44 -8.31 6.56
N ASP A 355 -19.97 -8.22 7.81
CA ASP A 355 -20.83 -7.75 8.89
C ASP A 355 -21.20 -6.29 8.71
N LEU A 356 -20.27 -5.52 8.16
CA LEU A 356 -20.48 -4.10 7.90
C LEU A 356 -21.57 -3.78 6.87
N PHE A 357 -21.61 -4.54 5.77
CA PHE A 357 -22.44 -4.20 4.63
C PHE A 357 -23.60 -5.16 4.32
N GLY A 358 -23.73 -6.22 5.11
CA GLY A 358 -24.84 -7.15 4.95
C GLY A 358 -24.82 -8.00 3.69
N ARG A 359 -23.65 -8.08 3.07
CA ARG A 359 -23.47 -8.92 1.90
C ARG A 359 -22.04 -9.41 1.87
N ALA A 360 -21.82 -10.57 1.25
CA ALA A 360 -20.47 -11.06 1.01
C ALA A 360 -19.79 -10.16 0.02
N PRO A 361 -18.61 -9.64 0.41
CA PRO A 361 -17.85 -8.77 -0.49
C PRO A 361 -17.46 -9.52 -1.74
N SER A 362 -17.19 -8.81 -2.84
CA SER A 362 -16.71 -9.44 -4.06
C SER A 362 -15.21 -9.65 -4.04
N LYS A 363 -14.78 -10.89 -4.29
CA LYS A 363 -13.37 -11.27 -4.33
C LYS A 363 -12.87 -11.50 -5.76
N ALA A 364 -13.65 -11.07 -6.74
CA ALA A 364 -13.42 -11.44 -8.14
C ALA A 364 -12.07 -10.99 -8.69
N VAL A 365 -11.64 -9.78 -8.36
CA VAL A 365 -10.37 -9.26 -8.87
C VAL A 365 -9.27 -9.28 -7.81
N ASN A 366 -8.04 -9.53 -8.25
CA ASN A 366 -6.90 -9.45 -7.35
C ASN A 366 -6.97 -8.17 -6.53
N PRO A 367 -6.92 -8.28 -5.20
CA PRO A 367 -7.13 -7.12 -4.33
C PRO A 367 -6.08 -6.02 -4.52
N ASP A 368 -4.83 -6.39 -4.69
CA ASP A 368 -3.78 -5.40 -4.82
C ASP A 368 -3.37 -5.11 -6.26
N GLU A 369 -4.12 -5.66 -7.20
CA GLU A 369 -3.90 -5.37 -8.62
C GLU A 369 -5.07 -4.64 -9.27
N ALA A 370 -6.18 -4.54 -8.55
CA ALA A 370 -7.39 -3.93 -9.10
C ALA A 370 -7.17 -2.49 -9.60
N VAL A 371 -6.46 -1.70 -8.82
CA VAL A 371 -6.27 -0.30 -9.16
C VAL A 371 -5.42 -0.11 -10.40
N ALA A 372 -4.33 -0.88 -10.48
CA ALA A 372 -3.47 -0.80 -11.65
C ALA A 372 -4.22 -1.29 -12.88
N ILE A 373 -5.02 -2.33 -12.71
CA ILE A 373 -5.82 -2.83 -13.83
C ILE A 373 -6.78 -1.76 -14.33
N GLY A 374 -7.49 -1.12 -13.41
CA GLY A 374 -8.36 -0.02 -13.78
C GLY A 374 -7.62 1.11 -14.49
N ALA A 375 -6.44 1.42 -13.98
CA ALA A 375 -5.60 2.45 -14.58
C ALA A 375 -5.31 2.11 -16.04
N ALA A 376 -4.97 0.85 -16.29
CA ALA A 376 -4.66 0.40 -17.65
C ALA A 376 -5.89 0.42 -18.57
N ILE A 377 -7.05 0.08 -18.02
CA ILE A 377 -8.30 0.16 -18.78
C ILE A 377 -8.54 1.60 -19.26
N GLN A 378 -8.42 2.53 -18.32
CA GLN A 378 -8.59 3.94 -18.64
C GLN A 378 -7.52 4.38 -19.62
N GLY A 379 -6.33 3.81 -19.46
CA GLY A 379 -5.26 4.05 -20.41
C GLY A 379 -5.69 3.67 -21.82
N GLY A 380 -6.17 2.45 -21.97
CA GLY A 380 -6.58 1.93 -23.28
C GLY A 380 -7.60 2.82 -23.95
N VAL A 381 -8.55 3.32 -23.16
CA VAL A 381 -9.54 4.26 -23.69
C VAL A 381 -8.84 5.49 -24.23
N LEU A 382 -8.01 6.11 -23.40
CA LEU A 382 -7.29 7.33 -23.77
C LEU A 382 -6.50 7.17 -25.06
N ALA A 383 -5.83 6.03 -25.20
CA ALA A 383 -4.99 5.75 -26.36
C ALA A 383 -5.78 5.82 -27.67
#